data_9J20
#
_entry.id   9J20
#
_cell.length_a   64.874
_cell.length_b   47.150
_cell.length_c   104.309
_cell.angle_alpha   90.00
_cell.angle_beta   107.47
_cell.angle_gamma   90.00
#
_symmetry.space_group_name_H-M   'P 1 21 1'
#
loop_
_entity.id
_entity.type
_entity.pdbx_description
1 polymer 'WD repeat-containing protein 5'
2 polymer 'Kinesin-like protein KIF2A'
3 non-polymer 1,2-ETHANEDIOL
4 water water
#
loop_
_entity_poly.entity_id
_entity_poly.type
_entity_poly.pdbx_seq_one_letter_code
_entity_poly.pdbx_strand_id
1 'polypeptide(L)'
;GSHMTQSKPTPVKPNYALKFTLAGHTKAVSSVKFSPNGEWLASSSADKLIKIWGAYDGKFEKTISGHKLGISDVAWSSDS
NLLVSASDDKTLKIWDVSSGKCLKTLKGHSNYVFCCNFNPQSNLIVSGSFDESVRIWDVKTGKCLKTLPAHSDPVSAVHF
NRDGSLIVSSSYDGLCRIWDTASGQCLKTLIDDDNPPVSFVKFSPNGKYILAATLDNTLKLWDYSKGKCLKTYTGHKNEK
YCIFANFSVTGGKWIVSGSEDNLVYIWNLQTKEIVQKLQGHTDVVISTACHPTENIIASAALENDKTIKLWKSDC
;
B,A
2 'polypeptide(L)' GSARARPSQ D,C
#
loop_
_chem_comp.id
_chem_comp.type
_chem_comp.name
_chem_comp.formula
EDO non-polymer 1,2-ETHANEDIOL 'C2 H6 O2'
#
# COMPACT_ATOMS: atom_id res chain seq x y z
N VAL A 12 20.53 8.41 -8.91
CA VAL A 12 19.99 9.19 -10.01
C VAL A 12 18.43 9.26 -9.94
N LYS A 13 17.85 10.41 -10.29
CA LYS A 13 16.41 10.55 -10.39
C LYS A 13 16.11 11.22 -11.73
N PRO A 14 14.96 10.95 -12.34
CA PRO A 14 14.65 11.65 -13.59
C PRO A 14 14.21 13.07 -13.27
N ASN A 15 14.12 13.88 -14.32
CA ASN A 15 13.71 15.27 -14.18
C ASN A 15 12.66 15.62 -15.24
N TYR A 16 11.62 14.79 -15.33
CA TYR A 16 10.54 15.03 -16.27
C TYR A 16 9.95 16.42 -16.09
N ALA A 17 9.85 17.17 -17.19
CA ALA A 17 9.26 18.51 -17.17
C ALA A 17 8.16 18.55 -18.21
N LEU A 18 7.10 19.33 -17.92
CA LEU A 18 5.98 19.45 -18.86
C LEU A 18 6.41 20.18 -20.12
N LYS A 19 6.10 19.61 -21.29
CA LYS A 19 6.39 20.20 -22.58
C LYS A 19 5.16 20.64 -23.35
N PHE A 20 4.08 19.85 -23.32
CA PHE A 20 2.87 20.16 -24.08
C PHE A 20 1.65 19.69 -23.33
N THR A 21 0.57 20.44 -23.45
CA THR A 21 -0.74 19.98 -22.99
C THR A 21 -1.63 19.88 -24.22
N LEU A 22 -2.21 18.72 -24.44
CA LEU A 22 -2.96 18.45 -25.66
C LEU A 22 -4.44 18.49 -25.29
N ALA A 23 -5.14 19.51 -25.75
CA ALA A 23 -6.56 19.65 -25.48
C ALA A 23 -7.32 19.36 -26.76
N GLY A 24 -8.60 19.01 -26.61
CA GLY A 24 -9.45 18.74 -27.76
C GLY A 24 -10.51 17.68 -27.54
N HIS A 25 -10.25 16.67 -26.71
CA HIS A 25 -11.34 15.77 -26.33
C HIS A 25 -12.37 16.54 -25.49
N THR A 26 -13.64 16.13 -25.59
CA THR A 26 -14.72 16.83 -24.88
C THR A 26 -15.26 16.05 -23.70
N LYS A 27 -14.76 14.84 -23.44
CA LYS A 27 -15.03 14.07 -22.23
C LYS A 27 -13.73 13.46 -21.72
N ALA A 28 -13.83 12.65 -20.64
CA ALA A 28 -12.63 12.01 -20.09
C ALA A 28 -11.77 11.36 -21.18
N VAL A 29 -10.45 11.47 -21.04
CA VAL A 29 -9.58 10.63 -21.85
C VAL A 29 -9.42 9.30 -21.11
N SER A 30 -9.47 8.19 -21.82
CA SER A 30 -9.37 6.86 -21.22
C SER A 30 -8.01 6.17 -21.42
N SER A 31 -7.25 6.47 -22.48
CA SER A 31 -6.04 5.71 -22.74
C SER A 31 -5.18 6.48 -23.74
N VAL A 32 -3.88 6.47 -23.54
CA VAL A 32 -2.93 7.02 -24.52
C VAL A 32 -1.84 5.99 -24.78
N LYS A 33 -1.35 5.93 -26.03
CA LYS A 33 -0.35 4.93 -26.43
C LYS A 33 0.51 5.57 -27.50
N PHE A 34 1.82 5.42 -27.38
CA PHE A 34 2.73 5.88 -28.42
C PHE A 34 2.81 4.83 -29.52
N SER A 35 2.97 5.29 -30.78
CA SER A 35 3.16 4.33 -31.84
C SER A 35 4.52 3.66 -31.68
N PRO A 36 4.65 2.40 -32.09
CA PRO A 36 5.96 1.73 -31.98
C PRO A 36 7.07 2.46 -32.69
N ASN A 37 6.80 3.20 -33.79
CA ASN A 37 7.86 3.95 -34.48
C ASN A 37 8.17 5.30 -33.85
N GLY A 38 7.46 5.66 -32.77
CA GLY A 38 7.76 6.85 -32.01
C GLY A 38 7.13 8.13 -32.52
N GLU A 39 6.51 8.12 -33.70
CA GLU A 39 6.12 9.39 -34.32
C GLU A 39 4.83 9.94 -33.75
N TRP A 40 3.99 9.10 -33.20
CA TRP A 40 2.63 9.47 -32.91
C TRP A 40 2.22 9.04 -31.50
N LEU A 41 1.26 9.78 -30.95
CA LEU A 41 0.49 9.38 -29.79
C LEU A 41 -0.94 9.23 -30.22
N ALA A 42 -1.60 8.13 -29.81
CA ALA A 42 -3.04 7.98 -30.01
C ALA A 42 -3.72 8.10 -28.67
N SER A 43 -4.87 8.77 -28.64
CA SER A 43 -5.68 8.88 -27.43
C SER A 43 -7.08 8.40 -27.72
N SER A 44 -7.70 7.76 -26.73
CA SER A 44 -9.11 7.40 -26.81
C SER A 44 -9.85 8.12 -25.71
N SER A 45 -11.16 8.30 -25.92
CA SER A 45 -11.91 9.08 -24.95
C SER A 45 -13.33 8.57 -24.82
N ALA A 46 -13.92 8.86 -23.65
CA ALA A 46 -15.34 8.72 -23.44
C ALA A 46 -16.16 9.53 -24.45
N ASP A 47 -15.55 10.49 -25.18
CA ASP A 47 -16.30 11.24 -26.19
C ASP A 47 -16.47 10.46 -27.50
N LYS A 48 -16.19 9.15 -27.51
CA LYS A 48 -16.33 8.23 -28.64
C LYS A 48 -15.26 8.42 -29.72
N LEU A 49 -14.22 9.18 -29.44
CA LEU A 49 -13.25 9.49 -30.50
C LEU A 49 -11.86 8.98 -30.17
N ILE A 50 -11.10 8.70 -31.25
CA ILE A 50 -9.66 8.54 -31.17
C ILE A 50 -9.03 9.78 -31.77
N LYS A 51 -8.00 10.32 -31.13
CA LYS A 51 -7.25 11.39 -31.75
C LYS A 51 -5.79 10.99 -31.85
N ILE A 52 -5.16 11.42 -32.94
CA ILE A 52 -3.75 11.18 -33.20
C ILE A 52 -3.05 12.52 -33.12
N TRP A 53 -1.92 12.55 -32.38
CA TRP A 53 -1.10 13.73 -32.11
C TRP A 53 0.36 13.44 -32.46
N GLY A 54 1.10 14.48 -32.88
CA GLY A 54 2.53 14.32 -33.08
C GLY A 54 3.24 14.14 -31.75
N ALA A 55 4.05 13.09 -31.63
CA ALA A 55 4.66 12.80 -30.34
C ALA A 55 5.72 13.83 -29.93
N TYR A 56 6.39 14.51 -30.89
CA TYR A 56 7.48 15.41 -30.57
C TYR A 56 7.09 16.88 -30.56
N ASP A 57 5.99 17.27 -31.20
CA ASP A 57 5.55 18.66 -31.13
C ASP A 57 4.13 18.82 -30.58
N GLY A 58 3.48 17.75 -30.16
CA GLY A 58 2.15 17.79 -29.59
C GLY A 58 1.06 18.25 -30.54
N LYS A 59 1.36 18.36 -31.83
CA LYS A 59 0.40 18.94 -32.77
C LYS A 59 -0.68 17.93 -33.11
N PHE A 60 -1.95 18.36 -32.98
CA PHE A 60 -3.06 17.53 -33.41
C PHE A 60 -2.90 17.13 -34.88
N GLU A 61 -3.07 15.85 -35.17
CA GLU A 61 -3.03 15.31 -36.54
C GLU A 61 -4.41 14.98 -37.07
N LYS A 62 -5.18 14.16 -36.36
CA LYS A 62 -6.48 13.81 -36.92
C LYS A 62 -7.41 13.21 -35.88
N THR A 63 -8.69 13.19 -36.24
CA THR A 63 -9.74 12.56 -35.42
C THR A 63 -10.28 11.34 -36.15
N ILE A 64 -10.42 10.22 -35.46
CA ILE A 64 -10.96 8.97 -36.00
C ILE A 64 -12.27 8.66 -35.28
N SER A 65 -13.35 8.47 -36.03
CA SER A 65 -14.67 8.29 -35.43
C SER A 65 -15.41 7.08 -36.00
N GLY A 66 -16.39 6.60 -35.24
CA GLY A 66 -17.28 5.54 -35.68
C GLY A 66 -17.88 4.68 -34.58
N HIS A 67 -17.26 4.63 -33.41
CA HIS A 67 -17.89 3.93 -32.29
C HIS A 67 -19.17 4.68 -31.86
N LYS A 68 -20.17 3.93 -31.41
CA LYS A 68 -21.44 4.53 -30.99
C LYS A 68 -21.49 4.95 -29.51
N LEU A 69 -20.53 4.51 -28.70
CA LEU A 69 -20.42 4.86 -27.30
C LEU A 69 -18.95 5.12 -26.99
N GLY A 70 -18.65 5.54 -25.77
CA GLY A 70 -17.25 5.89 -25.44
C GLY A 70 -16.28 4.73 -25.56
N ILE A 71 -14.98 5.06 -25.63
CA ILE A 71 -13.90 4.09 -25.81
C ILE A 71 -13.10 3.99 -24.53
N SER A 72 -12.76 2.77 -24.12
CA SER A 72 -11.96 2.54 -22.91
C SER A 72 -10.49 2.22 -23.19
N ASP A 73 -10.12 1.84 -24.41
CA ASP A 73 -8.71 1.51 -24.69
C ASP A 73 -8.45 1.63 -26.18
N VAL A 74 -7.16 1.71 -26.53
CA VAL A 74 -6.70 1.72 -27.90
C VAL A 74 -5.29 1.12 -27.89
N ALA A 75 -4.92 0.46 -29.00
CA ALA A 75 -3.58 -0.13 -29.12
C ALA A 75 -3.12 -0.12 -30.57
N TRP A 76 -1.79 -0.04 -30.78
CA TRP A 76 -1.17 0.02 -32.11
C TRP A 76 -0.67 -1.33 -32.59
N SER A 77 -0.74 -1.57 -33.91
CA SER A 77 -0.01 -2.72 -34.48
C SER A 77 1.50 -2.44 -34.50
N SER A 78 2.30 -3.52 -34.62
CA SER A 78 3.75 -3.37 -34.56
CA SER A 78 3.75 -3.37 -34.56
C SER A 78 4.30 -2.47 -35.67
N ASP A 79 3.66 -2.45 -36.84
CA ASP A 79 4.15 -1.61 -37.92
C ASP A 79 3.62 -0.18 -37.86
N SER A 80 2.89 0.18 -36.81
CA SER A 80 2.30 1.50 -36.58
C SER A 80 1.22 1.87 -37.59
N ASN A 81 0.70 0.92 -38.38
CA ASN A 81 -0.24 1.26 -39.44
C ASN A 81 -1.71 1.11 -39.05
N LEU A 82 -1.97 0.33 -38.01
CA LEU A 82 -3.33 0.02 -37.56
C LEU A 82 -3.51 0.37 -36.10
N LEU A 83 -4.76 0.65 -35.73
CA LEU A 83 -5.14 0.80 -34.35
C LEU A 83 -6.29 -0.16 -34.09
N VAL A 84 -6.40 -0.62 -32.87
CA VAL A 84 -7.62 -1.29 -32.43
C VAL A 84 -8.15 -0.54 -31.21
N SER A 85 -9.49 -0.40 -31.13
CA SER A 85 -10.13 0.30 -30.04
C SER A 85 -11.18 -0.59 -29.38
N ALA A 86 -11.40 -0.39 -28.07
CA ALA A 86 -12.38 -1.17 -27.29
C ALA A 86 -13.43 -0.26 -26.69
N SER A 87 -14.73 -0.55 -26.93
CA SER A 87 -15.79 0.43 -26.68
C SER A 87 -16.92 -0.13 -25.80
N ASP A 88 -17.57 0.78 -25.09
CA ASP A 88 -18.85 0.49 -24.40
C ASP A 88 -19.94 -0.01 -25.33
N ASP A 89 -19.82 0.16 -26.65
CA ASP A 89 -20.84 -0.34 -27.57
C ASP A 89 -20.69 -1.83 -27.85
N LYS A 90 -19.87 -2.51 -27.09
CA LYS A 90 -19.64 -3.96 -27.04
C LYS A 90 -18.79 -4.45 -28.21
N THR A 91 -18.22 -3.56 -29.00
CA THR A 91 -17.36 -3.96 -30.08
C THR A 91 -15.93 -3.45 -29.91
N LEU A 92 -15.06 -4.10 -30.68
CA LEU A 92 -13.78 -3.50 -31.03
C LEU A 92 -13.80 -3.06 -32.49
N LYS A 93 -12.98 -2.06 -32.80
CA LYS A 93 -12.83 -1.67 -34.20
C LYS A 93 -11.34 -1.66 -34.55
N ILE A 94 -11.01 -2.14 -35.76
CA ILE A 94 -9.67 -2.03 -36.35
C ILE A 94 -9.68 -0.92 -37.38
N TRP A 95 -8.72 0.02 -37.25
CA TRP A 95 -8.64 1.26 -38.01
C TRP A 95 -7.35 1.30 -38.82
N ASP A 96 -7.44 1.80 -40.04
CA ASP A 96 -6.28 2.16 -40.85
C ASP A 96 -5.92 3.59 -40.45
N VAL A 97 -4.74 3.77 -39.85
CA VAL A 97 -4.38 5.06 -39.29
C VAL A 97 -4.28 6.12 -40.38
N SER A 98 -3.70 5.79 -41.54
CA SER A 98 -3.49 6.81 -42.55
C SER A 98 -4.82 7.30 -43.15
N SER A 99 -5.78 6.41 -43.35
CA SER A 99 -7.04 6.84 -43.94
C SER A 99 -8.11 7.20 -42.91
N GLY A 100 -7.98 6.72 -41.67
CA GLY A 100 -9.01 6.88 -40.66
C GLY A 100 -10.19 5.94 -40.78
N LYS A 101 -10.15 5.02 -41.75
CA LYS A 101 -11.26 4.14 -42.08
C LYS A 101 -11.32 2.96 -41.11
N CYS A 102 -12.54 2.57 -40.76
CA CYS A 102 -12.77 1.34 -39.99
C CYS A 102 -12.67 0.13 -40.93
N LEU A 103 -11.67 -0.72 -40.70
CA LEU A 103 -11.44 -1.86 -41.55
C LEU A 103 -12.28 -3.03 -41.12
N LYS A 104 -12.42 -3.20 -39.81
CA LYS A 104 -13.23 -4.31 -39.29
C LYS A 104 -13.89 -3.89 -37.98
N THR A 105 -15.07 -4.44 -37.74
CA THR A 105 -15.76 -4.35 -36.45
C THR A 105 -15.84 -5.75 -35.85
N LEU A 106 -15.23 -5.92 -34.68
CA LEU A 106 -15.12 -7.20 -33.98
C LEU A 106 -16.29 -7.30 -33.01
N LYS A 107 -17.22 -8.19 -33.32
CA LYS A 107 -18.44 -8.35 -32.55
C LYS A 107 -18.47 -9.70 -31.84
N GLY A 108 -19.00 -9.71 -30.63
CA GLY A 108 -19.10 -10.98 -29.92
C GLY A 108 -19.11 -10.84 -28.42
N HIS A 109 -18.46 -9.82 -27.87
CA HIS A 109 -18.61 -9.57 -26.45
C HIS A 109 -20.05 -9.17 -26.13
N SER A 110 -20.50 -9.49 -24.93
CA SER A 110 -21.89 -9.22 -24.56
C SER A 110 -22.02 -8.05 -23.59
N ASN A 111 -20.93 -7.31 -23.33
CA ASN A 111 -20.98 -6.15 -22.44
C ASN A 111 -19.79 -5.28 -22.86
N TYR A 112 -19.58 -4.15 -22.16
CA TYR A 112 -18.52 -3.22 -22.55
C TYR A 112 -17.18 -3.93 -22.81
N VAL A 113 -16.49 -3.54 -23.88
CA VAL A 113 -15.13 -4.01 -24.07
C VAL A 113 -14.21 -3.01 -23.40
N PHE A 114 -13.30 -3.50 -22.54
CA PHE A 114 -12.55 -2.66 -21.61
C PHE A 114 -11.09 -2.45 -22.02
N CYS A 115 -10.48 -3.45 -22.65
CA CYS A 115 -9.02 -3.43 -22.86
C CYS A 115 -8.68 -4.23 -24.10
N CYS A 116 -7.55 -3.90 -24.73
CA CYS A 116 -7.24 -4.54 -26.00
C CYS A 116 -5.75 -4.38 -26.29
N ASN A 117 -5.25 -5.26 -27.13
CA ASN A 117 -3.84 -5.26 -27.56
C ASN A 117 -3.62 -6.17 -28.76
N PHE A 118 -2.68 -5.77 -29.65
CA PHE A 118 -2.17 -6.65 -30.68
C PHE A 118 -1.05 -7.53 -30.13
N ASN A 119 -0.84 -8.69 -30.75
CA ASN A 119 0.38 -9.41 -30.48
C ASN A 119 1.53 -8.82 -31.29
N PRO A 120 2.77 -9.14 -30.95
CA PRO A 120 3.90 -8.58 -31.73
C PRO A 120 3.81 -8.84 -33.20
N GLN A 121 3.48 -10.08 -33.61
CA GLN A 121 3.27 -10.42 -35.00
C GLN A 121 2.15 -9.59 -35.63
N SER A 122 1.17 -9.20 -34.80
CA SER A 122 0.04 -8.34 -35.14
C SER A 122 -0.93 -9.01 -36.10
N ASN A 123 -0.95 -10.35 -36.11
CA ASN A 123 -1.99 -11.13 -36.75
C ASN A 123 -3.16 -11.43 -35.80
N LEU A 124 -3.00 -11.19 -34.49
CA LEU A 124 -4.03 -11.41 -33.47
C LEU A 124 -4.29 -10.16 -32.64
N ILE A 125 -5.53 -10.05 -32.17
CA ILE A 125 -5.92 -9.07 -31.17
C ILE A 125 -6.44 -9.83 -29.96
N VAL A 126 -6.10 -9.36 -28.76
CA VAL A 126 -6.70 -9.88 -27.55
C VAL A 126 -7.56 -8.79 -26.91
N SER A 127 -8.74 -9.19 -26.41
CA SER A 127 -9.64 -8.25 -25.75
C SER A 127 -10.13 -8.82 -24.42
N GLY A 128 -10.43 -7.91 -23.48
CA GLY A 128 -11.17 -8.25 -22.26
C GLY A 128 -12.38 -7.35 -22.06
N SER A 129 -13.39 -7.87 -21.36
CA SER A 129 -14.68 -7.24 -21.35
C SER A 129 -15.33 -7.34 -19.97
N PHE A 130 -16.31 -6.44 -19.72
CA PHE A 130 -17.22 -6.62 -18.60
C PHE A 130 -17.93 -7.96 -18.66
N ASP A 131 -17.98 -8.63 -19.81
CA ASP A 131 -18.68 -9.91 -19.81
C ASP A 131 -17.84 -11.04 -19.20
N GLU A 132 -16.69 -10.71 -18.60
CA GLU A 132 -15.85 -11.60 -17.82
C GLU A 132 -15.03 -12.53 -18.72
N SER A 133 -15.08 -12.34 -20.03
CA SER A 133 -14.31 -13.19 -20.94
C SER A 133 -13.10 -12.45 -21.53
N VAL A 134 -12.17 -13.27 -22.03
CA VAL A 134 -11.05 -12.82 -22.88
C VAL A 134 -11.27 -13.40 -24.26
N ARG A 135 -11.17 -12.58 -25.30
CA ARG A 135 -11.34 -13.11 -26.65
C ARG A 135 -10.06 -12.86 -27.44
N ILE A 136 -9.79 -13.80 -28.34
CA ILE A 136 -8.66 -13.72 -29.25
C ILE A 136 -9.24 -13.71 -30.66
N TRP A 137 -8.89 -12.67 -31.44
CA TRP A 137 -9.47 -12.37 -32.74
C TRP A 137 -8.39 -12.45 -33.83
N ASP A 138 -8.79 -12.88 -35.03
CA ASP A 138 -7.94 -12.83 -36.23
C ASP A 138 -8.02 -11.43 -36.84
N VAL A 139 -6.87 -10.76 -36.96
CA VAL A 139 -6.84 -9.40 -37.48
C VAL A 139 -7.31 -9.35 -38.94
N LYS A 140 -6.91 -10.34 -39.74
CA LYS A 140 -7.18 -10.29 -41.18
C LYS A 140 -8.65 -10.45 -41.50
N THR A 141 -9.31 -11.36 -40.80
CA THR A 141 -10.70 -11.68 -41.06
C THR A 141 -11.68 -11.07 -40.06
N GLY A 142 -11.21 -10.64 -38.89
CA GLY A 142 -12.12 -10.20 -37.87
C GLY A 142 -12.84 -11.29 -37.12
N LYS A 143 -12.59 -12.57 -37.42
CA LYS A 143 -13.27 -13.65 -36.71
C LYS A 143 -12.74 -13.80 -35.29
N CYS A 144 -13.64 -14.11 -34.35
CA CYS A 144 -13.24 -14.48 -33.00
C CYS A 144 -12.71 -15.91 -33.04
N LEU A 145 -11.42 -16.11 -32.75
CA LEU A 145 -10.83 -17.45 -32.81
C LEU A 145 -11.03 -18.24 -31.53
N LYS A 146 -11.02 -17.56 -30.39
CA LYS A 146 -11.20 -18.23 -29.10
C LYS A 146 -11.87 -17.31 -28.12
N THR A 147 -12.72 -17.87 -27.27
CA THR A 147 -13.34 -17.16 -26.16
C THR A 147 -12.93 -17.90 -24.88
N LEU A 148 -12.15 -17.25 -24.04
CA LEU A 148 -11.68 -17.84 -22.81
C LEU A 148 -12.60 -17.45 -21.68
N PRO A 149 -13.17 -18.42 -20.90
CA PRO A 149 -13.97 -18.10 -19.70
C PRO A 149 -13.02 -17.74 -18.57
N ALA A 150 -12.45 -16.54 -18.70
CA ALA A 150 -11.18 -16.23 -18.06
C ALA A 150 -11.37 -15.87 -16.59
N HIS A 151 -12.45 -15.18 -16.24
CA HIS A 151 -12.59 -14.59 -14.92
C HIS A 151 -14.05 -14.62 -14.49
N SER A 152 -14.30 -14.26 -13.23
CA SER A 152 -15.67 -14.24 -12.71
CA SER A 152 -15.65 -14.24 -12.65
C SER A 152 -16.16 -12.81 -12.46
N ASP A 153 -15.46 -11.83 -13.01
CA ASP A 153 -15.85 -10.43 -12.88
C ASP A 153 -15.20 -9.70 -14.03
N PRO A 154 -15.45 -8.40 -14.23
CA PRO A 154 -14.90 -7.74 -15.42
C PRO A 154 -13.38 -7.89 -15.55
N VAL A 155 -12.92 -8.01 -16.80
CA VAL A 155 -11.50 -8.17 -17.12
C VAL A 155 -10.93 -6.77 -17.34
N SER A 156 -9.95 -6.38 -16.50
CA SER A 156 -9.43 -5.02 -16.49
C SER A 156 -8.25 -4.81 -17.42
N ALA A 157 -7.50 -5.85 -17.74
CA ALA A 157 -6.35 -5.68 -18.65
C ALA A 157 -6.05 -7.00 -19.37
N VAL A 158 -5.46 -6.90 -20.60
CA VAL A 158 -4.96 -8.06 -21.35
C VAL A 158 -3.67 -7.61 -22.08
N HIS A 159 -2.67 -8.45 -22.08
CA HIS A 159 -1.36 -8.08 -22.71
C HIS A 159 -0.63 -9.32 -23.21
N PHE A 160 -0.03 -9.23 -24.42
CA PHE A 160 0.80 -10.32 -24.91
C PHE A 160 2.24 -10.12 -24.42
N ASN A 161 2.95 -11.23 -24.26
CA ASN A 161 4.38 -11.16 -23.96
C ASN A 161 5.16 -10.93 -25.25
N ARG A 162 6.50 -10.92 -25.15
CA ARG A 162 7.32 -10.43 -26.26
C ARG A 162 7.28 -11.34 -27.49
N ASP A 163 7.07 -12.64 -27.33
CA ASP A 163 6.97 -13.46 -28.53
C ASP A 163 5.53 -13.84 -28.84
N GLY A 164 4.56 -13.31 -28.11
CA GLY A 164 3.17 -13.57 -28.40
C GLY A 164 2.67 -14.92 -27.94
N SER A 165 3.54 -15.73 -27.32
CA SER A 165 3.12 -17.07 -26.95
C SER A 165 2.22 -17.07 -25.71
N LEU A 166 2.24 -15.99 -24.93
CA LEU A 166 1.46 -15.88 -23.67
C LEU A 166 0.60 -14.62 -23.66
N ILE A 167 -0.52 -14.71 -22.95
CA ILE A 167 -1.39 -13.59 -22.62
C ILE A 167 -1.45 -13.50 -21.11
N VAL A 168 -1.33 -12.31 -20.56
CA VAL A 168 -1.69 -12.13 -19.14
C VAL A 168 -3.01 -11.36 -19.05
N SER A 169 -3.87 -11.77 -18.10
CA SER A 169 -5.16 -11.10 -17.90
C SER A 169 -5.32 -10.79 -16.42
N SER A 170 -6.04 -9.70 -16.13
CA SER A 170 -6.40 -9.36 -14.75
C SER A 170 -7.89 -9.06 -14.64
N SER A 171 -8.40 -9.17 -13.42
CA SER A 171 -9.84 -8.98 -13.22
C SER A 171 -10.15 -8.51 -11.81
N TYR A 172 -11.34 -7.93 -11.69
CA TYR A 172 -11.91 -7.55 -10.41
C TYR A 172 -12.14 -8.76 -9.52
N ASP A 173 -12.17 -9.99 -10.07
CA ASP A 173 -12.30 -11.15 -9.20
C ASP A 173 -11.05 -11.39 -8.37
N GLY A 174 -10.02 -10.56 -8.52
CA GLY A 174 -8.83 -10.67 -7.71
C GLY A 174 -7.74 -11.54 -8.29
N LEU A 175 -7.90 -12.01 -9.52
CA LEU A 175 -6.96 -12.97 -10.10
C LEU A 175 -6.16 -12.34 -11.24
N CYS A 176 -4.87 -12.70 -11.33
CA CYS A 176 -4.10 -12.55 -12.57
CA CYS A 176 -4.07 -12.55 -12.54
C CYS A 176 -3.86 -13.92 -13.16
N ARG A 177 -4.15 -14.07 -14.45
CA ARG A 177 -3.96 -15.38 -15.06
C ARG A 177 -3.04 -15.25 -16.28
N ILE A 178 -2.23 -16.27 -16.49
CA ILE A 178 -1.37 -16.40 -17.67
C ILE A 178 -1.95 -17.51 -18.54
N TRP A 179 -2.12 -17.20 -19.84
CA TRP A 179 -2.74 -18.08 -20.83
C TRP A 179 -1.78 -18.40 -21.97
N ASP A 180 -1.85 -19.64 -22.45
CA ASP A 180 -1.17 -20.05 -23.66
C ASP A 180 -1.96 -19.60 -24.88
N THR A 181 -1.35 -18.74 -25.71
CA THR A 181 -2.07 -18.14 -26.82
C THR A 181 -2.61 -19.20 -27.76
N ALA A 182 -1.77 -20.18 -28.08
CA ALA A 182 -2.13 -21.16 -29.10
C ALA A 182 -3.19 -22.14 -28.61
N SER A 183 -3.09 -22.58 -27.38
CA SER A 183 -4.00 -23.60 -26.88
C SER A 183 -5.17 -23.04 -26.08
N GLY A 184 -5.10 -21.79 -25.62
CA GLY A 184 -6.16 -21.25 -24.80
C GLY A 184 -6.20 -21.75 -23.37
N GLN A 185 -5.26 -22.55 -22.95
CA GLN A 185 -5.36 -23.04 -21.59
C GLN A 185 -4.68 -22.10 -20.61
N CYS A 186 -5.15 -22.14 -19.37
CA CYS A 186 -4.58 -21.33 -18.32
C CYS A 186 -3.33 -22.02 -17.77
N LEU A 187 -2.20 -21.33 -17.89
CA LEU A 187 -0.92 -21.83 -17.42
C LEU A 187 -0.64 -21.49 -15.97
N LYS A 188 -1.18 -20.37 -15.48
CA LYS A 188 -0.85 -19.97 -14.12
C LYS A 188 -1.94 -19.05 -13.58
N THR A 189 -2.29 -19.21 -12.29
CA THR A 189 -3.16 -18.26 -11.61
C THR A 189 -2.39 -17.66 -10.44
N LEU A 190 -2.29 -16.33 -10.41
CA LEU A 190 -1.68 -15.61 -9.29
C LEU A 190 -2.74 -15.00 -8.40
N ILE A 191 -2.64 -15.31 -7.09
CA ILE A 191 -3.48 -14.78 -6.02
C ILE A 191 -2.56 -14.21 -4.93
N ASP A 192 -3.02 -13.16 -4.24
CA ASP A 192 -2.24 -12.59 -3.15
C ASP A 192 -3.12 -11.98 -2.07
N ASP A 193 -2.71 -12.15 -0.81
CA ASP A 193 -3.35 -11.53 0.36
C ASP A 193 -4.84 -11.88 0.35
N ASP A 194 -5.73 -10.89 0.47
CA ASP A 194 -7.16 -11.12 0.53
C ASP A 194 -7.85 -10.92 -0.82
N ASN A 195 -7.12 -11.13 -1.91
CA ASN A 195 -7.66 -11.04 -3.25
C ASN A 195 -8.37 -9.72 -3.57
N PRO A 196 -7.71 -8.58 -3.37
CA PRO A 196 -8.30 -7.33 -3.84
C PRO A 196 -8.45 -7.35 -5.34
N PRO A 197 -9.39 -6.56 -5.88
CA PRO A 197 -9.52 -6.44 -7.34
C PRO A 197 -8.20 -6.08 -7.99
N VAL A 198 -7.89 -6.74 -9.08
CA VAL A 198 -6.70 -6.43 -9.87
C VAL A 198 -7.15 -5.52 -11.01
N SER A 199 -6.65 -4.30 -11.02
CA SER A 199 -7.12 -3.29 -11.96
C SER A 199 -6.25 -3.12 -13.21
N PHE A 200 -5.06 -3.68 -13.24
CA PHE A 200 -4.17 -3.54 -14.40
C PHE A 200 -3.08 -4.60 -14.33
N VAL A 201 -2.64 -5.11 -15.50
CA VAL A 201 -1.49 -6.01 -15.56
C VAL A 201 -0.78 -5.88 -16.91
N LYS A 202 0.53 -6.07 -16.89
CA LYS A 202 1.24 -6.16 -18.17
C LYS A 202 2.57 -6.87 -17.97
N PHE A 203 3.07 -7.45 -19.05
CA PHE A 203 4.38 -8.07 -19.00
C PHE A 203 5.47 -7.01 -19.00
N SER A 204 6.60 -7.34 -18.35
CA SER A 204 7.83 -6.55 -18.52
C SER A 204 8.36 -6.69 -19.96
N PRO A 205 9.21 -5.75 -20.39
CA PRO A 205 9.72 -5.83 -21.77
C PRO A 205 10.43 -7.13 -22.10
N ASN A 206 11.21 -7.70 -21.18
CA ASN A 206 11.83 -8.99 -21.46
C ASN A 206 10.90 -10.19 -21.27
N GLY A 207 9.67 -10.00 -20.80
CA GLY A 207 8.74 -11.11 -20.67
C GLY A 207 8.90 -11.97 -19.44
N LYS A 208 9.88 -11.66 -18.57
CA LYS A 208 10.14 -12.45 -17.36
C LYS A 208 9.25 -12.08 -16.17
N TYR A 209 8.74 -10.85 -16.11
CA TYR A 209 7.95 -10.40 -14.98
C TYR A 209 6.59 -9.92 -15.44
N ILE A 210 5.65 -9.79 -14.49
CA ILE A 210 4.43 -9.04 -14.73
C ILE A 210 4.29 -7.98 -13.64
N LEU A 211 3.81 -6.80 -14.03
CA LEU A 211 3.47 -5.71 -13.13
C LEU A 211 1.96 -5.67 -12.99
N ALA A 212 1.46 -5.79 -11.75
CA ALA A 212 0.03 -5.88 -11.48
C ALA A 212 -0.37 -4.81 -10.48
N ALA A 213 -1.45 -4.09 -10.80
CA ALA A 213 -2.02 -3.10 -9.90
C ALA A 213 -3.22 -3.70 -9.19
N THR A 214 -3.34 -3.45 -7.89
CA THR A 214 -4.53 -3.86 -7.17
C THR A 214 -5.17 -2.65 -6.50
N LEU A 215 -6.50 -2.72 -6.25
CA LEU A 215 -7.25 -1.55 -5.79
C LEU A 215 -7.08 -1.37 -4.28
N ASP A 216 -5.95 -1.85 -3.75
CA ASP A 216 -5.55 -1.48 -2.41
C ASP A 216 -4.30 -0.59 -2.44
N ASN A 217 -4.26 0.32 -3.41
CA ASN A 217 -3.21 1.35 -3.51
C ASN A 217 -1.82 0.75 -3.70
N THR A 218 -1.71 -0.34 -4.46
CA THR A 218 -0.46 -1.09 -4.50
C THR A 218 -0.17 -1.55 -5.93
N LEU A 219 1.10 -1.44 -6.34
CA LEU A 219 1.62 -2.12 -7.52
C LEU A 219 2.63 -3.18 -7.09
N LYS A 220 2.63 -4.33 -7.76
CA LYS A 220 3.54 -5.41 -7.42
C LYS A 220 4.18 -5.97 -8.69
N LEU A 221 5.49 -6.19 -8.62
CA LEU A 221 6.25 -6.84 -9.67
C LEU A 221 6.42 -8.30 -9.29
N TRP A 222 5.96 -9.21 -10.18
CA TRP A 222 5.92 -10.65 -9.95
C TRP A 222 6.82 -11.41 -10.92
N ASP A 223 7.49 -12.43 -10.39
CA ASP A 223 8.03 -13.51 -11.22
C ASP A 223 6.92 -14.53 -11.35
N TYR A 224 6.19 -14.48 -12.48
CA TYR A 224 4.95 -15.25 -12.52
C TYR A 224 5.21 -16.75 -12.60
N SER A 225 6.32 -17.16 -13.23
CA SER A 225 6.58 -18.60 -13.31
C SER A 225 6.88 -19.17 -11.93
N LYS A 226 7.71 -18.48 -11.15
CA LYS A 226 8.00 -18.90 -9.78
C LYS A 226 6.91 -18.48 -8.80
N GLY A 227 5.98 -17.62 -9.20
CA GLY A 227 4.89 -17.17 -8.34
C GLY A 227 5.31 -16.33 -7.14
N LYS A 228 6.38 -15.56 -7.27
CA LYS A 228 6.97 -14.80 -6.17
C LYS A 228 6.85 -13.31 -6.46
N CYS A 229 6.43 -12.54 -5.45
CA CYS A 229 6.41 -11.09 -5.55
C CYS A 229 7.81 -10.55 -5.27
N LEU A 230 8.41 -9.92 -6.27
CA LEU A 230 9.77 -9.42 -6.12
C LEU A 230 9.82 -7.99 -5.60
N LYS A 231 8.86 -7.15 -5.98
CA LYS A 231 8.86 -5.73 -5.58
C LYS A 231 7.45 -5.24 -5.34
N THR A 232 7.29 -4.24 -4.45
CA THR A 232 6.02 -3.50 -4.40
C THR A 232 6.30 -2.01 -4.49
N TYR A 233 5.38 -1.29 -5.13
CA TYR A 233 5.42 0.15 -5.33
C TYR A 233 4.17 0.74 -4.70
N THR A 234 4.36 1.63 -3.73
CA THR A 234 3.24 2.21 -2.99
C THR A 234 3.47 3.71 -2.81
N GLY A 235 2.47 4.37 -2.20
CA GLY A 235 2.49 5.79 -1.97
C GLY A 235 1.53 6.59 -2.84
N HIS A 236 1.03 6.02 -3.93
CA HIS A 236 0.04 6.65 -4.80
C HIS A 236 -1.36 6.27 -4.31
N LYS A 237 -2.40 6.72 -5.02
CA LYS A 237 -3.77 6.45 -4.64
C LYS A 237 -4.48 5.71 -5.78
N ASN A 238 -4.95 4.50 -5.49
CA ASN A 238 -5.60 3.68 -6.54
C ASN A 238 -6.57 2.75 -5.84
N GLU A 239 -7.82 3.18 -5.76
CA GLU A 239 -8.87 2.39 -5.10
C GLU A 239 -10.08 2.15 -5.97
N LYS A 240 -10.24 2.86 -7.08
CA LYS A 240 -11.51 2.91 -7.82
C LYS A 240 -11.38 2.76 -9.33
N TYR A 241 -10.22 3.01 -9.95
CA TYR A 241 -10.10 3.06 -11.40
C TYR A 241 -9.02 2.12 -11.91
N CYS A 242 -9.15 1.65 -13.17
CA CYS A 242 -8.16 0.78 -13.80
C CYS A 242 -7.10 1.65 -14.49
N ILE A 243 -6.05 1.96 -13.74
CA ILE A 243 -5.03 2.93 -14.15
C ILE A 243 -3.88 2.16 -14.78
N PHE A 244 -3.47 2.59 -15.98
CA PHE A 244 -2.34 1.99 -16.68
C PHE A 244 -1.03 2.27 -15.94
N ALA A 245 -0.13 1.28 -15.90
CA ALA A 245 1.25 1.47 -15.40
C ALA A 245 2.22 0.97 -16.46
N ASN A 246 3.51 1.31 -16.28
CA ASN A 246 4.46 1.16 -17.37
C ASN A 246 5.85 0.88 -16.79
N PHE A 247 6.67 0.17 -17.59
CA PHE A 247 8.11 0.08 -17.41
C PHE A 247 8.76 1.15 -18.26
N SER A 248 9.57 2.00 -17.66
CA SER A 248 10.31 3.00 -18.43
C SER A 248 11.74 2.51 -18.53
N VAL A 249 12.25 2.39 -19.76
CA VAL A 249 13.50 1.70 -20.02
C VAL A 249 14.43 2.50 -20.94
N THR A 250 14.01 3.65 -21.44
CA THR A 250 14.91 4.38 -22.34
C THR A 250 16.07 5.04 -21.61
N GLY A 251 15.89 5.34 -20.34
CA GLY A 251 16.94 5.97 -19.53
C GLY A 251 17.15 5.14 -18.29
N GLY A 252 16.95 5.72 -17.10
CA GLY A 252 16.94 4.89 -15.91
C GLY A 252 15.74 3.95 -15.93
N LYS A 253 15.80 2.88 -15.14
CA LYS A 253 14.74 1.86 -15.15
C LYS A 253 13.71 2.23 -14.09
N TRP A 254 12.58 2.76 -14.54
CA TRP A 254 11.55 3.27 -13.64
C TRP A 254 10.26 2.47 -13.80
N ILE A 255 9.41 2.55 -12.78
CA ILE A 255 8.00 2.19 -12.90
C ILE A 255 7.20 3.49 -12.97
N VAL A 256 6.23 3.58 -13.90
CA VAL A 256 5.47 4.81 -14.11
C VAL A 256 4.00 4.49 -13.95
N SER A 257 3.28 5.27 -13.15
CA SER A 257 1.82 5.05 -13.04
C SER A 257 1.07 6.36 -12.81
N GLY A 258 -0.19 6.39 -13.24
CA GLY A 258 -1.08 7.42 -12.81
C GLY A 258 -1.60 7.14 -11.40
N SER A 259 -2.42 8.05 -10.92
CA SER A 259 -2.88 8.05 -9.53
C SER A 259 -4.19 8.82 -9.38
N GLU A 260 -4.96 8.45 -8.37
CA GLU A 260 -6.23 9.11 -8.13
C GLU A 260 -6.06 10.42 -7.36
N ASP A 261 -4.83 10.79 -6.99
CA ASP A 261 -4.59 12.11 -6.42
C ASP A 261 -4.07 13.10 -7.47
N ASN A 262 -4.31 12.82 -8.76
CA ASN A 262 -4.10 13.71 -9.93
C ASN A 262 -2.62 13.82 -10.30
N LEU A 263 -1.74 12.96 -9.78
CA LEU A 263 -0.31 13.00 -10.04
C LEU A 263 0.13 11.81 -10.89
N VAL A 264 1.26 11.98 -11.61
CA VAL A 264 2.00 10.83 -12.16
C VAL A 264 3.10 10.45 -11.17
N TYR A 265 3.17 9.18 -10.79
CA TYR A 265 4.22 8.70 -9.90
C TYR A 265 5.25 7.98 -10.73
N ILE A 266 6.52 8.21 -10.38
CA ILE A 266 7.65 7.48 -10.92
C ILE A 266 8.44 6.88 -9.77
N TRP A 267 8.66 5.57 -9.81
CA TRP A 267 9.48 4.87 -8.83
C TRP A 267 10.75 4.30 -9.45
N ASN A 268 11.82 4.23 -8.64
CA ASN A 268 12.99 3.43 -9.00
C ASN A 268 12.63 1.96 -8.94
N LEU A 269 12.82 1.24 -10.07
CA LEU A 269 12.30 -0.11 -10.11
C LEU A 269 13.00 -1.03 -9.09
N GLN A 270 14.27 -0.83 -8.83
CA GLN A 270 14.97 -1.74 -7.94
C GLN A 270 14.76 -1.37 -6.49
N THR A 271 14.83 -0.08 -6.16
CA THR A 271 14.82 0.31 -4.76
C THR A 271 13.42 0.51 -4.22
N LYS A 272 12.45 0.69 -5.11
CA LYS A 272 11.04 0.91 -4.85
C LYS A 272 10.79 2.34 -4.36
N GLU A 273 11.81 3.21 -4.27
CA GLU A 273 11.60 4.58 -3.82
C GLU A 273 10.89 5.40 -4.89
N ILE A 274 10.01 6.29 -4.45
CA ILE A 274 9.46 7.27 -5.38
C ILE A 274 10.59 8.23 -5.78
N VAL A 275 10.80 8.40 -7.08
CA VAL A 275 11.83 9.31 -7.55
C VAL A 275 11.26 10.59 -8.12
N GLN A 276 9.97 10.61 -8.50
CA GLN A 276 9.40 11.88 -8.96
C GLN A 276 7.87 11.79 -8.91
N LYS A 277 7.22 12.92 -8.65
CA LYS A 277 5.76 13.03 -8.81
C LYS A 277 5.49 14.20 -9.77
N LEU A 278 4.76 13.95 -10.84
CA LEU A 278 4.50 14.98 -11.83
C LEU A 278 3.15 15.60 -11.52
N GLN A 279 3.15 16.90 -11.26
CA GLN A 279 1.98 17.72 -10.98
C GLN A 279 1.50 18.50 -12.19
N GLY A 280 0.18 18.68 -12.26
CA GLY A 280 -0.42 19.49 -13.31
C GLY A 280 -1.80 19.05 -13.77
N HIS A 281 -2.12 17.75 -13.75
CA HIS A 281 -3.48 17.34 -14.05
C HIS A 281 -4.41 17.72 -12.91
N THR A 282 -5.68 17.84 -13.25
CA THR A 282 -6.75 18.23 -12.31
C THR A 282 -7.81 17.16 -12.15
N ASP A 283 -7.53 15.93 -12.55
CA ASP A 283 -8.40 14.81 -12.27
C ASP A 283 -7.54 13.55 -12.23
N VAL A 284 -8.17 12.44 -11.86
CA VAL A 284 -7.48 11.14 -11.88
C VAL A 284 -6.64 10.97 -13.16
N VAL A 285 -5.38 10.58 -13.01
CA VAL A 285 -4.52 10.32 -14.16
C VAL A 285 -4.75 8.85 -14.48
N ILE A 286 -5.64 8.59 -15.43
CA ILE A 286 -6.06 7.22 -15.73
C ILE A 286 -5.02 6.50 -16.56
N SER A 287 -4.20 7.24 -17.31
CA SER A 287 -3.36 6.53 -18.27
C SER A 287 -2.02 7.26 -18.39
N THR A 288 -0.95 6.48 -18.44
CA THR A 288 0.39 6.93 -18.80
C THR A 288 0.97 5.98 -19.83
N ALA A 289 1.94 6.50 -20.60
CA ALA A 289 2.62 5.71 -21.60
C ALA A 289 4.04 6.23 -21.70
N CYS A 290 4.96 5.34 -22.05
CA CYS A 290 6.39 5.68 -22.17
C CYS A 290 6.84 5.56 -23.61
N HIS A 291 7.48 6.61 -24.12
CA HIS A 291 7.92 6.62 -25.51
C HIS A 291 8.94 5.51 -25.78
N PRO A 292 8.92 4.90 -26.99
CA PRO A 292 9.80 3.74 -27.23
C PRO A 292 11.30 4.06 -27.33
N THR A 293 11.70 5.29 -27.62
CA THR A 293 13.13 5.59 -27.73
C THR A 293 13.58 6.81 -26.93
N GLU A 294 12.73 7.78 -26.69
CA GLU A 294 13.14 8.97 -25.94
C GLU A 294 12.55 8.92 -24.52
N ASN A 295 13.15 9.69 -23.59
CA ASN A 295 12.63 9.75 -22.19
C ASN A 295 11.47 10.71 -22.17
N ILE A 296 10.33 10.25 -22.68
CA ILE A 296 9.10 11.03 -22.82
C ILE A 296 7.96 10.20 -22.25
N ILE A 297 7.20 10.83 -21.38
CA ILE A 297 5.96 10.26 -20.81
C ILE A 297 4.77 11.01 -21.37
N ALA A 298 3.74 10.25 -21.76
CA ALA A 298 2.41 10.80 -22.02
C ALA A 298 1.50 10.43 -20.86
N SER A 299 0.68 11.37 -20.42
CA SER A 299 -0.30 11.15 -19.36
C SER A 299 -1.66 11.73 -19.72
N ALA A 300 -2.73 11.12 -19.19
CA ALA A 300 -4.03 11.63 -19.55
C ALA A 300 -4.99 11.40 -18.39
N ALA A 301 -5.98 12.27 -18.31
CA ALA A 301 -6.85 12.37 -17.13
C ALA A 301 -8.34 12.43 -17.49
N LEU A 302 -9.16 12.22 -16.44
CA LEU A 302 -10.59 12.04 -16.56
C LEU A 302 -11.36 13.37 -16.64
N GLU A 303 -12.66 13.32 -16.34
CA GLU A 303 -13.67 14.29 -16.80
C GLU A 303 -13.37 15.73 -16.44
N ASN A 304 -12.78 16.01 -15.27
CA ASN A 304 -12.52 17.39 -14.84
C ASN A 304 -11.23 17.96 -15.40
N ASP A 305 -10.54 17.20 -16.23
CA ASP A 305 -9.31 17.60 -16.87
C ASP A 305 -9.40 17.49 -18.38
N LYS A 306 -9.63 16.29 -18.92
CA LYS A 306 -9.81 16.01 -20.35
C LYS A 306 -8.59 16.30 -21.21
N THR A 307 -7.40 16.40 -20.63
CA THR A 307 -6.20 16.71 -21.42
C THR A 307 -5.23 15.54 -21.39
N ILE A 308 -4.32 15.59 -22.35
CA ILE A 308 -3.13 14.76 -22.40
C ILE A 308 -1.94 15.67 -22.15
N LYS A 309 -0.98 15.21 -21.34
CA LYS A 309 0.26 15.97 -21.15
C LYS A 309 1.46 15.16 -21.59
N LEU A 310 2.44 15.85 -22.20
CA LEU A 310 3.70 15.26 -22.66
C LEU A 310 4.83 15.83 -21.80
N TRP A 311 5.63 14.94 -21.25
CA TRP A 311 6.71 15.27 -20.33
C TRP A 311 8.04 14.71 -20.88
N LYS A 312 9.13 15.42 -20.63
CA LYS A 312 10.43 14.93 -21.09
C LYS A 312 11.50 15.06 -20.01
N SER A 313 12.36 14.05 -19.94
CA SER A 313 13.44 14.01 -18.96
C SER A 313 14.80 13.84 -19.66
N ASP A 314 15.86 14.24 -18.99
CA ASP A 314 17.20 13.98 -19.49
C ASP A 314 17.68 12.57 -19.20
N CYS A 315 17.02 11.85 -18.27
CA CYS A 315 17.26 10.43 -17.98
C CYS A 315 16.02 9.72 -17.49
N GLY B 1 -20.64 7.36 -22.13
CA GLY B 1 -19.27 7.52 -21.60
C GLY B 1 -18.44 6.29 -21.84
N SER B 2 -17.44 6.03 -21.00
CA SER B 2 -16.71 4.78 -21.14
C SER B 2 -16.46 4.15 -19.77
N ALA B 3 -16.45 2.82 -19.75
CA ALA B 3 -16.35 2.12 -18.49
C ALA B 3 -15.07 2.46 -17.77
N ARG B 4 -13.96 2.68 -18.49
CA ARG B 4 -12.73 2.94 -17.76
C ARG B 4 -12.78 4.27 -17.03
N ALA B 5 -13.57 5.21 -17.53
CA ALA B 5 -13.72 6.52 -16.89
C ALA B 5 -14.78 6.56 -15.79
N ARG B 6 -15.32 5.45 -15.41
CA ARG B 6 -16.28 5.38 -14.32
C ARG B 6 -15.70 4.62 -13.12
N PRO B 7 -15.94 5.07 -11.88
CA PRO B 7 -15.36 4.35 -10.74
C PRO B 7 -16.05 3.02 -10.46
N SER B 8 -15.31 2.09 -9.87
CA SER B 8 -15.98 0.82 -9.47
C SER B 8 -16.70 0.98 -8.16
N VAL C 12 -22.19 1.65 10.81
CA VAL C 12 -21.96 2.85 11.63
C VAL C 12 -20.50 3.31 11.48
N LYS C 13 -20.24 4.61 11.64
CA LYS C 13 -18.91 5.21 11.61
C LYS C 13 -18.71 6.08 12.85
N PRO C 14 -17.47 6.21 13.36
CA PRO C 14 -17.22 7.05 14.54
C PRO C 14 -17.15 8.55 14.23
N ASN C 15 -17.21 9.36 15.30
CA ASN C 15 -17.16 10.82 15.21
C ASN C 15 -16.17 11.37 16.25
N TYR C 16 -14.96 10.82 16.27
CA TYR C 16 -13.95 11.29 17.21
C TYR C 16 -13.72 12.78 17.02
N ALA C 17 -13.78 13.52 18.14
CA ALA C 17 -13.51 14.95 18.18
C ALA C 17 -12.45 15.21 19.24
N LEU C 18 -11.64 16.25 19.03
CA LEU C 18 -10.63 16.64 20.00
C LEU C 18 -11.25 17.15 21.28
N LYS C 19 -10.74 16.64 22.41
CA LYS C 19 -11.12 17.11 23.72
C LYS C 19 -9.99 17.82 24.44
N PHE C 20 -8.75 17.31 24.36
CA PHE C 20 -7.65 17.85 25.13
C PHE C 20 -6.34 17.73 24.37
N THR C 21 -5.47 18.73 24.55
CA THR C 21 -4.08 18.62 24.11
C THR C 21 -3.17 18.71 25.33
N LEU C 22 -2.28 17.73 25.48
CA LEU C 22 -1.45 17.54 26.67
C LEU C 22 -0.03 17.98 26.30
N ALA C 23 0.39 19.10 26.89
CA ALA C 23 1.69 19.68 26.61
C ALA C 23 2.64 19.47 27.77
N GLY C 24 3.93 19.47 27.47
CA GLY C 24 4.92 19.34 28.52
C GLY C 24 6.19 18.56 28.22
N HIS C 25 6.16 17.56 27.35
CA HIS C 25 7.40 16.92 26.93
C HIS C 25 8.19 17.92 26.10
N THR C 26 9.53 17.85 26.19
CA THR C 26 10.37 18.84 25.54
C THR C 26 11.08 18.31 24.32
N LYS C 27 10.90 17.02 23.98
CA LYS C 27 11.32 16.42 22.71
C LYS C 27 10.17 15.53 22.23
N ALA C 28 10.34 14.86 21.07
CA ALA C 28 9.28 13.98 20.55
C ALA C 28 8.71 13.04 21.61
N VAL C 29 7.42 12.83 21.55
CA VAL C 29 6.80 11.73 22.28
C VAL C 29 7.07 10.45 21.50
N SER C 30 7.32 9.35 22.21
CA SER C 30 7.59 8.06 21.56
C SER C 30 6.45 7.07 21.66
N SER C 31 5.67 7.08 22.74
CA SER C 31 4.65 6.07 23.02
C SER C 31 3.65 6.60 24.03
N VAL C 32 2.38 6.25 23.87
CA VAL C 32 1.34 6.55 24.87
C VAL C 32 0.54 5.27 25.08
N LYS C 33 0.13 5.03 26.32
CA LYS C 33 -0.59 3.80 26.66
C LYS C 33 -1.61 4.12 27.76
N PHE C 34 -2.84 3.65 27.62
CA PHE C 34 -3.78 3.81 28.74
C PHE C 34 -3.55 2.75 29.79
N SER C 35 -3.74 3.10 31.07
CA SER C 35 -3.72 2.09 32.10
C SER C 35 -4.91 1.14 31.91
N PRO C 36 -4.73 -0.15 32.24
CA PRO C 36 -5.85 -1.09 32.13
C PRO C 36 -7.09 -0.69 32.93
N ASN C 37 -6.96 0.05 34.04
CA ASN C 37 -8.16 0.45 34.79
C ASN C 37 -8.85 1.69 34.21
N GLY C 38 -8.30 2.24 33.13
CA GLY C 38 -8.87 3.35 32.41
C GLY C 38 -8.54 4.71 32.96
N GLU C 39 -7.90 4.78 34.12
CA GLU C 39 -7.82 6.06 34.81
C GLU C 39 -6.69 6.91 34.26
N TRP C 40 -5.66 6.28 33.70
CA TRP C 40 -4.44 6.99 33.42
C TRP C 40 -3.99 6.75 31.98
N LEU C 41 -3.31 7.76 31.46
CA LEU C 41 -2.48 7.63 30.27
C LEU C 41 -1.03 7.83 30.68
N ALA C 42 -0.14 6.96 30.22
CA ALA C 42 1.29 7.15 30.38
C ALA C 42 1.88 7.55 29.03
N SER C 43 2.85 8.48 29.05
CA SER C 43 3.54 8.82 27.82
C SER C 43 5.03 8.72 28.07
N SER C 44 5.75 8.23 27.10
CA SER C 44 7.22 8.20 27.18
C SER C 44 7.78 9.11 26.10
N SER C 45 9.03 9.60 26.29
CA SER C 45 9.50 10.59 25.31
C SER C 45 11.00 10.47 25.08
N ALA C 46 11.45 10.98 23.92
CA ALA C 46 12.88 11.18 23.69
C ALA C 46 13.52 12.11 24.72
N ASP C 47 12.71 12.83 25.51
CA ASP C 47 13.23 13.72 26.54
C ASP C 47 13.62 12.98 27.81
N LYS C 48 13.69 11.65 27.78
CA LYS C 48 14.08 10.76 28.89
C LYS C 48 13.03 10.64 29.99
N LEU C 49 11.82 11.15 29.78
CA LEU C 49 10.81 11.18 30.84
C LEU C 49 9.59 10.34 30.49
N ILE C 50 8.93 9.86 31.57
CA ILE C 50 7.57 9.32 31.52
C ILE C 50 6.66 10.32 32.21
N LYS C 51 5.50 10.60 31.62
CA LYS C 51 4.51 11.43 32.29
C LYS C 51 3.19 10.68 32.40
N ILE C 52 2.49 10.85 33.53
CA ILE C 52 1.19 10.22 33.79
C ILE C 52 0.14 11.32 33.80
N TRP C 53 -0.97 11.08 33.07
CA TRP C 53 -2.05 12.03 32.88
C TRP C 53 -3.39 11.37 33.21
N GLY C 54 -4.35 12.19 33.63
CA GLY C 54 -5.72 11.70 33.78
C GLY C 54 -6.32 11.41 32.41
N ALA C 55 -6.83 10.19 32.23
CA ALA C 55 -7.28 9.75 30.91
C ALA C 55 -8.52 10.52 30.45
N TYR C 56 -9.35 11.01 31.38
CA TYR C 56 -10.61 11.63 31.01
C TYR C 56 -10.60 13.15 31.02
N ASP C 57 -9.72 13.79 31.80
CA ASP C 57 -9.70 15.24 31.81
C ASP C 57 -8.35 15.80 31.37
N GLY C 58 -7.42 14.97 30.94
CA GLY C 58 -6.11 15.38 30.45
C GLY C 58 -5.21 16.00 31.49
N LYS C 59 -5.58 15.88 32.77
CA LYS C 59 -4.90 16.57 33.86
C LYS C 59 -3.57 15.90 34.14
N PHE C 60 -2.49 16.68 34.07
CA PHE C 60 -1.16 16.20 34.45
C PHE C 60 -1.14 15.67 35.88
N GLU C 61 -0.60 14.47 36.06
CA GLU C 61 -0.44 13.82 37.37
C GLU C 61 1.01 13.85 37.85
N LYS C 62 1.95 13.32 37.07
CA LYS C 62 3.34 13.33 37.58
C LYS C 62 4.32 13.04 36.46
N THR C 63 5.59 13.33 36.75
CA THR C 63 6.73 13.00 35.89
C THR C 63 7.59 11.96 36.59
N ILE C 64 7.97 10.92 35.85
CA ILE C 64 8.79 9.81 36.32
C ILE C 64 10.12 9.86 35.56
N SER C 65 11.25 9.95 36.30
CA SER C 65 12.54 10.13 35.64
C SER C 65 13.59 9.17 36.19
N GLY C 66 14.65 9.01 35.40
CA GLY C 66 15.81 8.22 35.80
C GLY C 66 16.58 7.57 34.67
N HIS C 67 15.95 7.39 33.51
CA HIS C 67 16.71 6.92 32.35
C HIS C 67 17.74 7.97 31.93
N LYS C 68 18.92 7.50 31.47
CA LYS C 68 19.99 8.41 31.09
C LYS C 68 19.91 8.90 29.64
N LEU C 69 19.14 8.22 28.79
CA LEU C 69 18.95 8.61 27.41
C LEU C 69 17.45 8.49 27.12
N GLY C 70 17.03 8.87 25.91
CA GLY C 70 15.59 8.89 25.62
C GLY C 70 14.94 7.51 25.67
N ILE C 71 13.60 7.54 25.73
CA ILE C 71 12.77 6.33 25.85
C ILE C 71 11.97 6.10 24.56
N SER C 72 11.90 4.84 24.12
CA SER C 72 11.15 4.48 22.91
C SER C 72 9.82 3.75 23.17
N ASP C 73 9.59 3.22 24.38
CA ASP C 73 8.34 2.51 24.64
C ASP C 73 8.08 2.49 26.13
N VAL C 74 6.81 2.27 26.51
CA VAL C 74 6.43 2.13 27.91
C VAL C 74 5.19 1.24 27.94
N ALA C 75 5.04 0.48 29.01
CA ALA C 75 3.89 -0.42 29.13
C ALA C 75 3.47 -0.58 30.58
N TRP C 76 2.19 -0.84 30.78
CA TRP C 76 1.56 -1.00 32.09
C TRP C 76 1.44 -2.47 32.49
N SER C 77 1.63 -2.76 33.79
CA SER C 77 1.29 -4.08 34.32
C SER C 77 -0.21 -4.25 34.36
N SER C 78 -0.67 -5.50 34.49
CA SER C 78 -2.10 -5.75 34.38
CA SER C 78 -2.10 -5.82 34.43
C SER C 78 -2.90 -5.15 35.54
N ASP C 79 -2.27 -4.89 36.70
CA ASP C 79 -3.01 -4.32 37.83
C ASP C 79 -2.93 -2.79 37.86
N SER C 80 -2.36 -2.19 36.81
CA SER C 80 -2.13 -0.75 36.69
C SER C 80 -1.13 -0.21 37.73
N ASN C 81 -0.38 -1.06 38.45
CA ASN C 81 0.47 -0.56 39.52
C ASN C 81 1.91 -0.33 39.07
N LEU C 82 2.35 -0.95 37.95
CA LEU C 82 3.74 -0.88 37.51
C LEU C 82 3.79 -0.39 36.07
N LEU C 83 4.91 0.23 35.73
CA LEU C 83 5.29 0.55 34.36
C LEU C 83 6.64 -0.08 34.03
N VAL C 84 6.86 -0.38 32.77
CA VAL C 84 8.18 -0.69 32.27
C VAL C 84 8.49 0.23 31.09
N SER C 85 9.75 0.67 31.00
CA SER C 85 10.17 1.53 29.90
C SER C 85 11.40 0.95 29.22
N ALA C 86 11.54 1.23 27.91
CA ALA C 86 12.65 0.74 27.08
C ALA C 86 13.39 1.95 26.53
N SER C 87 14.72 2.01 26.73
CA SER C 87 15.48 3.24 26.54
C SER C 87 16.70 3.04 25.63
N ASP C 88 17.09 4.12 24.94
CA ASP C 88 18.41 4.13 24.26
C ASP C 88 19.58 3.85 25.18
N ASP C 89 19.41 3.96 26.50
CA ASP C 89 20.53 3.69 27.39
C ASP C 89 20.78 2.21 27.58
N LYS C 90 20.15 1.35 26.77
CA LYS C 90 20.39 -0.10 26.70
C LYS C 90 19.71 -0.83 27.84
N THR C 91 18.89 -0.16 28.65
CA THR C 91 18.20 -0.83 29.75
C THR C 91 16.68 -0.72 29.60
N LEU C 92 15.99 -1.55 30.37
CA LEU C 92 14.60 -1.32 30.71
C LEU C 92 14.54 -0.90 32.17
N LYS C 93 13.50 -0.16 32.53
CA LYS C 93 13.30 0.10 33.96
C LYS C 93 11.86 -0.23 34.36
N ILE C 94 11.71 -0.88 35.54
CA ILE C 94 10.41 -1.16 36.16
C ILE C 94 10.19 -0.14 37.25
N TRP C 95 9.01 0.52 37.19
CA TRP C 95 8.61 1.66 38.00
C TRP C 95 7.34 1.37 38.79
N ASP C 96 7.35 1.82 40.04
CA ASP C 96 6.14 1.85 40.87
C ASP C 96 5.39 3.15 40.58
N VAL C 97 4.18 3.04 40.03
CA VAL C 97 3.48 4.23 39.56
C VAL C 97 3.10 5.17 40.71
N SER C 98 2.67 4.62 41.85
CA SER C 98 2.19 5.53 42.90
C SER C 98 3.33 6.36 43.49
N SER C 99 4.51 5.76 43.66
CA SER C 99 5.64 6.47 44.25
C SER C 99 6.56 7.12 43.23
N GLY C 100 6.51 6.69 41.96
CA GLY C 100 7.47 7.16 40.96
C GLY C 100 8.85 6.53 41.00
N LYS C 101 9.07 5.58 41.91
CA LYS C 101 10.39 4.98 42.14
C LYS C 101 10.74 3.95 41.11
N CYS C 102 12.02 3.94 40.72
CA CYS C 102 12.58 2.86 39.93
C CYS C 102 12.80 1.65 40.84
N LEU C 103 12.06 0.58 40.58
CA LEU C 103 12.13 -0.63 41.39
C LEU C 103 13.22 -1.54 40.89
N LYS C 104 13.42 -1.59 39.57
CA LYS C 104 14.42 -2.48 39.00
C LYS C 104 14.95 -1.85 37.71
N THR C 105 16.23 -2.11 37.40
CA THR C 105 16.82 -1.77 36.11
C THR C 105 17.24 -3.06 35.43
N LEU C 106 16.68 -3.35 34.24
CA LEU C 106 16.91 -4.60 33.51
C LEU C 106 18.07 -4.39 32.53
N LYS C 107 19.21 -5.03 32.81
CA LYS C 107 20.44 -4.85 32.06
C LYS C 107 20.77 -6.13 31.30
N GLY C 108 21.28 -5.96 30.08
CA GLY C 108 21.67 -7.08 29.26
C GLY C 108 21.59 -6.90 27.75
N HIS C 109 20.67 -6.08 27.25
CA HIS C 109 20.72 -5.68 25.85
C HIS C 109 22.00 -4.90 25.57
N SER C 110 22.54 -5.08 24.37
CA SER C 110 23.81 -4.46 23.99
C SER C 110 23.63 -3.30 23.01
N ASN C 111 22.40 -2.84 22.79
CA ASN C 111 22.08 -1.69 21.96
C ASN C 111 20.72 -1.17 22.44
N TYR C 112 20.19 -0.15 21.76
CA TYR C 112 18.94 0.49 22.20
C TYR C 112 17.86 -0.55 22.44
N VAL C 113 17.11 -0.40 23.54
CA VAL C 113 15.90 -1.20 23.71
C VAL C 113 14.75 -0.40 23.12
N PHE C 114 13.99 -1.04 22.23
CA PHE C 114 13.05 -0.35 21.38
C PHE C 114 11.59 -0.53 21.77
N CYS C 115 11.22 -1.67 22.39
CA CYS C 115 9.81 -2.06 22.60
C CYS C 115 9.72 -2.97 23.81
N CYS C 116 8.55 -2.97 24.48
CA CYS C 116 8.40 -3.75 25.71
C CYS C 116 6.93 -3.99 26.01
N ASN C 117 6.65 -5.02 26.82
CA ASN C 117 5.31 -5.35 27.27
C ASN C 117 5.39 -6.35 28.42
N PHE C 118 4.42 -6.25 29.32
CA PHE C 118 4.15 -7.23 30.35
C PHE C 118 3.30 -8.34 29.78
N ASN C 119 3.43 -9.55 30.32
CA ASN C 119 2.47 -10.60 30.02
C ASN C 119 1.20 -10.39 30.87
N PRO C 120 0.11 -11.07 30.53
CA PRO C 120 -1.13 -10.89 31.32
C PRO C 120 -0.95 -11.15 32.81
N GLN C 121 -0.18 -12.17 33.16
CA GLN C 121 0.18 -12.48 34.53
C GLN C 121 0.95 -11.35 35.19
N SER C 122 1.74 -10.62 34.41
CA SER C 122 2.57 -9.49 34.81
C SER C 122 3.72 -9.92 35.71
N ASN C 123 4.11 -11.19 35.63
CA ASN C 123 5.33 -11.67 36.24
C ASN C 123 6.50 -11.67 35.27
N LEU C 124 6.22 -11.46 33.97
CA LEU C 124 7.25 -11.42 32.94
C LEU C 124 7.17 -10.12 32.15
N ILE C 125 8.34 -9.69 31.68
CA ILE C 125 8.43 -8.59 30.73
C ILE C 125 9.11 -9.11 29.48
N VAL C 126 8.62 -8.70 28.31
CA VAL C 126 9.31 -8.99 27.05
C VAL C 126 9.84 -7.70 26.43
N SER C 127 11.05 -7.77 25.86
CA SER C 127 11.72 -6.63 25.24
C SER C 127 12.32 -7.02 23.89
N GLY C 128 12.38 -6.03 22.97
CA GLY C 128 13.13 -6.18 21.74
C GLY C 128 14.09 -5.01 21.56
N SER C 129 15.19 -5.26 20.83
CA SER C 129 16.27 -4.30 20.84
C SER C 129 16.91 -4.18 19.46
N PHE C 130 17.62 -3.05 19.27
CA PHE C 130 18.52 -2.92 18.12
C PHE C 130 19.57 -4.01 18.06
N ASP C 131 19.81 -4.74 19.15
CA ASP C 131 20.79 -5.81 19.10
C ASP C 131 20.23 -7.07 18.46
N GLU C 132 18.99 -7.02 17.93
CA GLU C 132 18.37 -8.07 17.11
C GLU C 132 17.84 -9.22 17.97
N SER C 133 17.86 -9.09 19.30
CA SER C 133 17.40 -10.15 20.20
C SER C 133 16.07 -9.77 20.84
N VAL C 134 15.36 -10.78 21.32
CA VAL C 134 14.21 -10.60 22.19
C VAL C 134 14.58 -11.16 23.54
N ARG C 135 14.31 -10.42 24.60
CA ARG C 135 14.66 -10.90 25.94
C ARG C 135 13.39 -10.98 26.76
N ILE C 136 13.39 -11.96 27.67
CA ILE C 136 12.29 -12.24 28.60
C ILE C 136 12.86 -12.14 30.02
N TRP C 137 12.25 -11.26 30.81
CA TRP C 137 12.74 -10.87 32.13
C TRP C 137 11.76 -11.27 33.23
N ASP C 138 12.31 -11.61 34.40
CA ASP C 138 11.49 -11.86 35.58
C ASP C 138 11.20 -10.55 36.29
N VAL C 139 9.92 -10.23 36.45
CA VAL C 139 9.53 -8.95 37.03
C VAL C 139 9.98 -8.86 38.49
N LYS C 140 9.91 -9.97 39.23
CA LYS C 140 10.18 -9.94 40.67
C LYS C 140 11.64 -9.62 40.97
N THR C 141 12.58 -10.28 40.27
CA THR C 141 14.02 -10.17 40.54
C THR C 141 14.74 -9.25 39.57
N GLY C 142 14.14 -8.94 38.43
CA GLY C 142 14.83 -8.19 37.40
C GLY C 142 15.80 -8.99 36.55
N LYS C 143 15.95 -10.29 36.81
CA LYS C 143 16.88 -11.12 36.06
C LYS C 143 16.35 -11.46 34.66
N CYS C 144 17.27 -11.50 33.67
CA CYS C 144 16.93 -12.00 32.35
C CYS C 144 16.82 -13.52 32.37
N LEU C 145 15.62 -14.04 32.09
CA LEU C 145 15.42 -15.49 32.05
C LEU C 145 15.74 -16.08 30.70
N LYS C 146 15.51 -15.34 29.61
CA LYS C 146 15.78 -15.88 28.29
C LYS C 146 16.23 -14.78 27.36
N THR C 147 17.16 -15.14 26.45
CA THR C 147 17.60 -14.31 25.33
C THR C 147 17.30 -15.12 24.07
N LEU C 148 16.36 -14.63 23.23
CA LEU C 148 16.04 -15.28 21.96
C LEU C 148 16.82 -14.59 20.84
N PRO C 149 17.56 -15.33 20.00
CA PRO C 149 18.23 -14.75 18.81
C PRO C 149 17.16 -14.60 17.73
N ALA C 150 16.33 -13.58 17.91
CA ALA C 150 15.02 -13.62 17.27
C ALA C 150 15.07 -13.21 15.81
N HIS C 151 15.91 -12.24 15.47
CA HIS C 151 15.86 -11.60 14.16
C HIS C 151 17.28 -11.28 13.71
N SER C 152 17.39 -10.66 12.54
CA SER C 152 18.70 -10.34 11.98
C SER C 152 18.83 -8.85 11.70
N ASP C 153 17.96 -8.06 12.29
CA ASP C 153 17.95 -6.60 12.25
C ASP C 153 17.17 -6.14 13.48
N PRO C 154 17.07 -4.83 13.75
CA PRO C 154 16.38 -4.38 14.96
C PRO C 154 14.97 -4.94 15.09
N VAL C 155 14.59 -5.18 16.34
CA VAL C 155 13.27 -5.69 16.67
C VAL C 155 12.36 -4.50 16.94
N SER C 156 11.30 -4.38 16.13
CA SER C 156 10.42 -3.22 16.16
C SER C 156 9.27 -3.37 17.15
N ALA C 157 8.85 -4.60 17.44
CA ALA C 157 7.73 -4.76 18.37
C ALA C 157 7.79 -6.13 19.03
N VAL C 158 7.24 -6.22 20.26
CA VAL C 158 7.03 -7.49 20.94
C VAL C 158 5.72 -7.39 21.72
N HIS C 159 4.93 -8.47 21.70
CA HIS C 159 3.61 -8.49 22.36
C HIS C 159 3.26 -9.91 22.80
N PHE C 160 2.71 -10.06 24.01
CA PHE C 160 2.17 -11.36 24.46
C PHE C 160 0.74 -11.55 24.00
N ASN C 161 0.34 -12.81 23.79
CA ASN C 161 -1.05 -13.11 23.46
C ASN C 161 -1.87 -13.14 24.76
N ARG C 162 -3.12 -13.52 24.62
CA ARG C 162 -4.08 -13.26 25.68
C ARG C 162 -3.77 -14.08 26.93
N ASP C 163 -3.24 -15.30 26.81
CA ASP C 163 -2.98 -16.10 28.01
C ASP C 163 -1.51 -16.14 28.38
N GLY C 164 -0.69 -15.34 27.69
CA GLY C 164 0.72 -15.26 27.96
C GLY C 164 1.56 -16.37 27.39
N SER C 165 0.95 -17.35 26.70
CA SER C 165 1.67 -18.52 26.24
C SER C 165 2.53 -18.26 25.02
N LEU C 166 2.26 -17.19 24.26
CA LEU C 166 2.95 -16.85 23.01
C LEU C 166 3.43 -15.41 23.04
N ILE C 167 4.55 -15.18 22.34
CA ILE C 167 5.07 -13.85 22.05
C ILE C 167 5.12 -13.71 20.54
N VAL C 168 4.69 -12.57 19.99
CA VAL C 168 4.97 -12.24 18.60
C VAL C 168 5.97 -11.09 18.57
N SER C 169 6.93 -11.18 17.64
CA SER C 169 7.98 -10.19 17.43
C SER C 169 8.04 -9.84 15.95
N SER C 170 8.39 -8.59 15.68
CA SER C 170 8.60 -8.09 14.31
C SER C 170 9.97 -7.43 14.20
N SER C 171 10.42 -7.30 12.95
CA SER C 171 11.77 -6.79 12.75
C SER C 171 11.89 -6.16 11.37
N TYR C 172 12.89 -5.28 11.28
CA TYR C 172 13.34 -4.72 10.01
C TYR C 172 13.84 -5.78 9.05
N ASP C 173 14.16 -6.99 9.52
CA ASP C 173 14.56 -8.08 8.62
C ASP C 173 13.40 -8.58 7.76
N GLY C 174 12.19 -8.03 7.92
CA GLY C 174 11.06 -8.42 7.12
C GLY C 174 10.23 -9.55 7.68
N LEU C 175 10.55 -10.04 8.88
CA LEU C 175 9.86 -11.21 9.39
C LEU C 175 9.00 -10.89 10.60
N CYS C 176 7.92 -11.69 10.74
CA CYS C 176 7.16 -11.79 11.98
CA CYS C 176 7.16 -11.80 11.96
C CYS C 176 7.36 -13.19 12.55
N ARG C 177 7.67 -13.27 13.84
CA ARG C 177 7.86 -14.59 14.42
C ARG C 177 6.98 -14.76 15.66
N ILE C 178 6.47 -15.97 15.82
CA ILE C 178 5.70 -16.40 16.99
C ILE C 178 6.56 -17.38 17.78
N TRP C 179 6.69 -17.13 19.10
CA TRP C 179 7.51 -17.89 20.04
C TRP C 179 6.67 -18.46 21.18
N ASP C 180 7.03 -19.68 21.59
CA ASP C 180 6.51 -20.33 22.78
C ASP C 180 7.17 -19.70 24.01
N THR C 181 6.38 -19.07 24.87
CA THR C 181 6.96 -18.34 25.99
C THR C 181 7.75 -19.26 26.91
N ALA C 182 7.21 -20.44 27.21
CA ALA C 182 7.82 -21.30 28.22
C ALA C 182 9.18 -21.84 27.75
N SER C 183 9.29 -22.23 26.49
CA SER C 183 10.53 -22.82 25.98
C SER C 183 11.42 -21.85 25.22
N GLY C 184 10.89 -20.71 24.76
CA GLY C 184 11.65 -19.82 23.90
C GLY C 184 11.79 -20.28 22.47
N GLN C 185 11.13 -21.37 22.09
CA GLN C 185 11.30 -21.91 20.76
C GLN C 185 10.33 -21.24 19.77
N CYS C 186 10.78 -21.12 18.52
CA CYS C 186 9.99 -20.48 17.47
C CYS C 186 8.93 -21.42 16.92
N LEU C 187 7.65 -21.00 17.00
CA LEU C 187 6.54 -21.78 16.45
C LEU C 187 6.19 -21.40 15.02
N LYS C 188 6.41 -20.15 14.62
CA LYS C 188 6.00 -19.79 13.25
C LYS C 188 6.81 -18.59 12.78
N THR C 189 7.16 -18.57 11.49
CA THR C 189 7.76 -17.41 10.84
C THR C 189 6.83 -16.99 9.71
N LEU C 190 6.36 -15.74 9.73
CA LEU C 190 5.56 -15.15 8.65
C LEU C 190 6.41 -14.31 7.71
N ILE C 191 6.23 -14.59 6.42
CA ILE C 191 6.84 -13.97 5.26
C ILE C 191 5.74 -13.36 4.42
N ASP C 192 6.05 -12.22 3.80
CA ASP C 192 5.06 -11.48 3.01
C ASP C 192 5.76 -10.84 1.81
N ASP C 193 5.25 -11.10 0.60
CA ASP C 193 5.71 -10.39 -0.59
C ASP C 193 7.24 -10.41 -0.64
N ASP C 194 7.89 -9.24 -0.78
CA ASP C 194 9.35 -9.12 -0.85
C ASP C 194 9.95 -8.81 0.51
N ASN C 195 9.23 -9.15 1.56
CA ASN C 195 9.67 -8.97 2.94
C ASN C 195 10.13 -7.54 3.27
N PRO C 196 9.28 -6.54 3.07
CA PRO C 196 9.62 -5.17 3.52
C PRO C 196 9.79 -5.17 5.02
N PRO C 197 10.52 -4.20 5.58
CA PRO C 197 10.66 -4.12 7.04
C PRO C 197 9.28 -4.13 7.72
N VAL C 198 9.19 -4.91 8.79
CA VAL C 198 7.98 -4.94 9.62
C VAL C 198 8.20 -4.01 10.81
N SER C 199 7.42 -2.94 10.86
CA SER C 199 7.60 -1.86 11.79
C SER C 199 6.73 -2.00 13.03
N PHE C 200 5.75 -2.88 13.01
CA PHE C 200 4.90 -3.05 14.20
C PHE C 200 4.12 -4.34 14.07
N VAL C 201 3.87 -4.99 15.21
CA VAL C 201 2.98 -6.14 15.21
C VAL C 201 2.34 -6.28 16.59
N LYS C 202 1.14 -6.85 16.61
CA LYS C 202 0.52 -7.19 17.89
C LYS C 202 -0.55 -8.22 17.65
N PHE C 203 -0.87 -8.97 18.72
CA PHE C 203 -2.03 -9.87 18.67
C PHE C 203 -3.35 -9.09 18.76
N SER C 204 -4.38 -9.64 18.11
CA SER C 204 -5.75 -9.20 18.34
C SER C 204 -6.24 -9.61 19.73
N PRO C 205 -7.28 -8.93 20.26
CA PRO C 205 -7.75 -9.27 21.61
C PRO C 205 -8.14 -10.73 21.77
N ASN C 206 -8.79 -11.34 20.79
CA ASN C 206 -9.14 -12.76 20.87
C ASN C 206 -7.97 -13.71 20.57
N GLY C 207 -6.80 -13.20 20.20
CA GLY C 207 -5.62 -14.01 20.04
C GLY C 207 -5.53 -14.81 18.77
N LYS C 208 -6.53 -14.72 17.89
CA LYS C 208 -6.52 -15.53 16.67
C LYS C 208 -5.71 -14.89 15.56
N TYR C 209 -5.55 -13.57 15.59
CA TYR C 209 -4.90 -12.82 14.52
C TYR C 209 -3.73 -12.01 15.04
N ILE C 210 -2.89 -11.59 14.12
CA ILE C 210 -1.91 -10.54 14.38
C ILE C 210 -2.11 -9.42 13.38
N LEU C 211 -1.93 -8.19 13.84
CA LEU C 211 -1.94 -7.02 12.99
C LEU C 211 -0.50 -6.59 12.77
N ALA C 212 -0.06 -6.53 11.52
CA ALA C 212 1.34 -6.23 11.24
C ALA C 212 1.43 -5.00 10.36
N ALA C 213 2.28 -4.04 10.73
CA ALA C 213 2.52 -2.86 9.90
C ALA C 213 3.85 -3.06 9.15
N THR C 214 3.89 -2.67 7.88
CA THR C 214 5.13 -2.70 7.10
C THR C 214 5.38 -1.35 6.44
N LEU C 215 6.67 -1.12 6.12
CA LEU C 215 7.15 0.19 5.70
C LEU C 215 6.91 0.40 4.21
N ASP C 216 5.91 -0.30 3.66
CA ASP C 216 5.36 -0.02 2.33
C ASP C 216 3.94 0.52 2.48
N ASN C 217 3.72 1.35 3.53
CA ASN C 217 2.46 2.05 3.71
C ASN C 217 1.31 1.07 3.92
N THR C 218 1.59 -0.06 4.60
CA THR C 218 0.53 -1.09 4.60
C THR C 218 0.40 -1.73 5.97
N LEU C 219 -0.86 -1.92 6.43
CA LEU C 219 -1.17 -2.76 7.58
C LEU C 219 -1.88 -4.03 7.12
N LYS C 220 -1.59 -5.16 7.73
CA LYS C 220 -2.23 -6.39 7.30
C LYS C 220 -2.70 -7.19 8.52
N LEU C 221 -3.91 -7.75 8.41
CA LEU C 221 -4.46 -8.66 9.41
C LEU C 221 -4.21 -10.08 8.94
N TRP C 222 -3.50 -10.86 9.77
CA TRP C 222 -3.07 -12.22 9.47
C TRP C 222 -3.72 -13.21 10.44
N ASP C 223 -4.16 -14.36 9.90
CA ASP C 223 -4.43 -15.57 10.70
C ASP C 223 -3.09 -16.28 10.83
N TYR C 224 -2.45 -16.16 11.99
CA TYR C 224 -1.03 -16.51 12.06
C TYR C 224 -0.80 -18.01 11.91
N SER C 225 -1.71 -18.85 12.44
CA SER C 225 -1.52 -20.30 12.31
C SER C 225 -1.68 -20.78 10.87
N LYS C 226 -2.72 -20.30 10.17
CA LYS C 226 -2.90 -20.70 8.79
C LYS C 226 -1.97 -19.98 7.82
N GLY C 227 -1.30 -18.92 8.27
CA GLY C 227 -0.43 -18.16 7.39
C GLY C 227 -1.14 -17.42 6.28
N LYS C 228 -2.36 -16.96 6.51
CA LYS C 228 -3.17 -16.31 5.48
C LYS C 228 -3.45 -14.87 5.86
N CYS C 229 -3.28 -13.96 4.90
CA CYS C 229 -3.65 -12.56 5.09
C CYS C 229 -5.15 -12.39 4.85
N LEU C 230 -5.89 -12.01 5.91
CA LEU C 230 -7.34 -11.84 5.83
C LEU C 230 -7.72 -10.43 5.41
N LYS C 231 -6.97 -9.41 5.84
CA LYS C 231 -7.35 -8.04 5.48
C LYS C 231 -6.09 -7.19 5.26
N THR C 232 -6.21 -6.13 4.43
CA THR C 232 -5.18 -5.09 4.37
C THR C 232 -5.80 -3.71 4.55
N TYR C 233 -5.06 -2.81 5.20
CA TYR C 233 -5.49 -1.43 5.45
C TYR C 233 -4.45 -0.50 4.88
N THR C 234 -4.87 0.35 3.93
CA THR C 234 -3.96 1.23 3.23
C THR C 234 -4.59 2.63 3.15
N GLY C 235 -3.83 3.57 2.60
CA GLY C 235 -4.24 4.95 2.44
C GLY C 235 -3.49 5.91 3.33
N HIS C 236 -2.81 5.41 4.35
CA HIS C 236 -2.01 6.22 5.25
C HIS C 236 -0.58 6.27 4.72
N LYS C 237 0.30 6.97 5.44
CA LYS C 237 1.70 7.10 5.06
C LYS C 237 2.56 6.47 6.13
N ASN C 238 3.32 5.43 5.77
CA ASN C 238 4.18 4.77 6.75
C ASN C 238 5.35 4.14 6.01
N GLU C 239 6.47 4.89 5.93
CA GLU C 239 7.68 4.45 5.23
C GLU C 239 8.94 4.50 6.08
N LYS C 240 8.93 5.16 7.24
CA LYS C 240 10.13 5.53 7.96
C LYS C 240 10.12 5.25 9.44
N TYR C 241 8.94 5.15 10.08
CA TYR C 241 8.86 5.08 11.54
C TYR C 241 8.06 3.87 11.97
N CYS C 242 8.35 3.40 13.17
CA CYS C 242 7.65 2.26 13.76
C CYS C 242 6.45 2.85 14.49
N ILE C 243 5.33 2.90 13.78
CA ILE C 243 4.12 3.56 14.27
C ILE C 243 3.23 2.51 14.92
N PHE C 244 2.73 2.78 16.14
CA PHE C 244 1.81 1.85 16.78
C PHE C 244 0.47 1.79 16.07
N ALA C 245 -0.13 0.60 16.00
CA ALA C 245 -1.50 0.42 15.50
C ALA C 245 -2.31 -0.34 16.56
N ASN C 246 -3.64 -0.31 16.40
CA ASN C 246 -4.51 -0.73 17.47
C ASN C 246 -5.76 -1.36 16.90
N PHE C 247 -6.29 -2.30 17.67
CA PHE C 247 -7.68 -2.74 17.53
C PHE C 247 -8.52 -1.90 18.47
N SER C 248 -9.58 -1.29 17.96
CA SER C 248 -10.50 -0.53 18.78
C SER C 248 -11.78 -1.35 18.92
N VAL C 249 -12.19 -1.65 20.16
CA VAL C 249 -13.30 -2.60 20.37
C VAL C 249 -14.37 -2.08 21.31
N THR C 250 -14.25 -0.87 21.84
CA THR C 250 -15.24 -0.36 22.77
C THR C 250 -16.58 0.00 22.10
N GLY C 251 -16.57 0.32 20.82
CA GLY C 251 -17.78 0.60 20.07
C GLY C 251 -17.76 -0.25 18.83
N GLY C 252 -17.76 0.40 17.65
CA GLY C 252 -17.57 -0.33 16.41
C GLY C 252 -16.16 -0.90 16.33
N LYS C 253 -15.97 -1.93 15.50
CA LYS C 253 -14.70 -2.64 15.49
C LYS C 253 -13.82 -1.96 14.44
N TRP C 254 -12.84 -1.20 14.91
CA TRP C 254 -12.00 -0.39 14.04
C TRP C 254 -10.53 -0.84 14.12
N ILE C 255 -9.78 -0.46 13.10
CA ILE C 255 -8.32 -0.43 13.16
C ILE C 255 -7.89 1.03 13.28
N VAL C 256 -6.94 1.31 14.19
CA VAL C 256 -6.51 2.68 14.46
C VAL C 256 -4.99 2.76 14.30
N SER C 257 -4.50 3.76 13.57
CA SER C 257 -3.05 3.93 13.43
C SER C 257 -2.68 5.40 13.26
N GLY C 258 -1.46 5.74 13.67
CA GLY C 258 -0.89 7.01 13.28
C GLY C 258 -0.37 6.98 11.86
N SER C 259 0.17 8.11 11.40
CA SER C 259 0.56 8.21 10.00
C SER C 259 1.63 9.28 9.85
N GLU C 260 2.47 9.14 8.82
CA GLU C 260 3.52 10.13 8.60
C GLU C 260 3.01 11.40 7.90
N ASP C 261 1.71 11.48 7.59
CA ASP C 261 1.12 12.73 7.13
C ASP C 261 0.40 13.49 8.26
N ASN C 262 0.75 13.20 9.50
CA ASN C 262 0.35 13.95 10.70
C ASN C 262 -1.10 13.63 11.06
N LEU C 263 -1.69 12.61 10.48
CA LEU C 263 -3.09 12.27 10.76
C LEU C 263 -3.21 10.98 11.56
N VAL C 264 -4.33 10.85 12.28
CA VAL C 264 -4.78 9.55 12.78
C VAL C 264 -5.73 8.93 11.76
N TYR C 265 -5.48 7.68 11.37
CA TYR C 265 -6.42 6.94 10.51
C TYR C 265 -7.24 5.91 11.30
N ILE C 266 -8.52 5.81 10.98
CA ILE C 266 -9.42 4.81 11.51
C ILE C 266 -10.11 4.11 10.34
N TRP C 267 -10.00 2.77 10.31
CA TRP C 267 -10.58 1.90 9.31
C TRP C 267 -11.61 0.96 9.92
N ASN C 268 -12.63 0.66 9.12
CA ASN C 268 -13.54 -0.45 9.44
C ASN C 268 -12.80 -1.76 9.29
N LEU C 269 -12.76 -2.56 10.37
CA LEU C 269 -11.89 -3.73 10.36
C LEU C 269 -12.35 -4.73 9.30
N GLN C 270 -13.67 -4.84 9.09
CA GLN C 270 -14.17 -5.85 8.18
C GLN C 270 -14.12 -5.39 6.75
N THR C 271 -14.49 -4.15 6.50
CA THR C 271 -14.65 -3.70 5.13
C THR C 271 -13.36 -3.08 4.58
N LYS C 272 -12.46 -2.70 5.46
CA LYS C 272 -11.16 -2.07 5.17
C LYS C 272 -11.29 -0.62 4.75
N GLU C 273 -12.51 -0.04 4.76
CA GLU C 273 -12.71 1.36 4.38
C GLU C 273 -12.19 2.28 5.47
N ILE C 274 -11.58 3.39 5.07
CA ILE C 274 -11.25 4.46 6.02
C ILE C 274 -12.55 5.09 6.47
N VAL C 275 -12.78 5.11 7.78
CA VAL C 275 -14.00 5.69 8.29
C VAL C 275 -13.76 7.04 8.93
N GLN C 276 -12.50 7.35 9.32
CA GLN C 276 -12.28 8.70 9.84
C GLN C 276 -10.79 9.01 9.80
N LYS C 277 -10.45 10.29 9.57
CA LYS C 277 -9.08 10.79 9.72
C LYS C 277 -9.08 11.98 10.67
N LEU C 278 -8.28 11.92 11.72
CA LEU C 278 -8.23 12.97 12.75
C LEU C 278 -7.08 13.92 12.46
N GLN C 279 -7.43 15.19 12.24
CA GLN C 279 -6.45 16.22 11.96
C GLN C 279 -6.20 17.10 13.17
N GLY C 280 -4.96 17.60 13.28
CA GLY C 280 -4.58 18.52 14.34
C GLY C 280 -3.13 18.41 14.78
N HIS C 281 -2.50 17.24 14.67
CA HIS C 281 -1.06 17.19 14.94
C HIS C 281 -0.30 17.90 13.83
N THR C 282 0.93 18.34 14.16
CA THR C 282 1.83 19.06 13.25
C THR C 282 3.13 18.30 13.02
N ASP C 283 3.16 17.01 13.36
CA ASP C 283 4.26 16.14 13.01
C ASP C 283 3.70 14.72 12.93
N VAL C 284 4.56 13.81 12.49
CA VAL C 284 4.25 12.39 12.44
C VAL C 284 3.56 11.93 13.71
N VAL C 285 2.43 11.24 13.55
CA VAL C 285 1.73 10.65 14.69
C VAL C 285 2.37 9.29 14.93
N ILE C 286 3.32 9.24 15.86
CA ILE C 286 4.12 8.03 16.09
C ILE C 286 3.33 7.01 16.89
N SER C 287 2.35 7.46 17.68
CA SER C 287 1.74 6.54 18.62
C SER C 287 0.26 6.84 18.76
N THR C 288 -0.55 5.79 18.81
CA THR C 288 -1.95 5.90 19.15
C THR C 288 -2.30 4.81 20.15
N ALA C 289 -3.33 5.06 20.96
CA ALA C 289 -3.78 4.13 21.98
C ALA C 289 -5.29 4.25 22.06
N CYS C 290 -5.93 3.12 22.34
CA CYS C 290 -7.38 3.06 22.51
C CYS C 290 -7.73 2.74 23.95
N HIS C 291 -8.60 3.56 24.55
CA HIS C 291 -8.99 3.40 25.96
C HIS C 291 -9.68 2.06 26.17
N PRO C 292 -9.41 1.38 27.29
CA PRO C 292 -9.92 0.01 27.46
C PRO C 292 -11.44 -0.14 27.66
N THR C 293 -12.20 0.91 28.05
CA THR C 293 -13.66 0.80 28.24
C THR C 293 -14.49 1.85 27.52
N GLU C 294 -13.93 3.03 27.28
CA GLU C 294 -14.63 4.14 26.62
C GLU C 294 -14.10 4.36 25.20
N ASN C 295 -14.90 5.04 24.36
CA ASN C 295 -14.48 5.38 22.98
C ASN C 295 -13.59 6.63 22.97
N ILE C 296 -12.33 6.43 23.38
CA ILE C 296 -11.35 7.49 23.52
C ILE C 296 -10.06 7.03 22.87
N ILE C 297 -9.48 7.85 22.00
CA ILE C 297 -8.15 7.61 21.45
C ILE C 297 -7.18 8.65 21.99
N ALA C 298 -5.98 8.20 22.37
CA ALA C 298 -4.82 9.04 22.64
C ALA C 298 -3.89 8.98 21.45
N SER C 299 -3.37 10.12 21.05
CA SER C 299 -2.43 10.20 19.93
C SER C 299 -1.24 11.06 20.30
N ALA C 300 -0.08 10.74 19.76
CA ALA C 300 1.12 11.49 20.12
C ALA C 300 2.04 11.61 18.92
N ALA C 301 2.79 12.73 18.90
CA ALA C 301 3.55 13.16 17.73
C ALA C 301 4.98 13.54 18.05
N LEU C 302 5.73 13.58 16.95
CA LEU C 302 7.14 13.83 17.08
C LEU C 302 7.62 15.25 17.29
N GLU C 303 8.90 15.50 17.06
CA GLU C 303 9.52 16.75 17.47
C GLU C 303 8.90 18.10 17.17
N ASN C 304 8.29 18.24 16.03
CA ASN C 304 7.70 19.49 15.65
C ASN C 304 6.35 19.68 16.30
N ASP C 305 5.93 18.71 17.09
CA ASP C 305 4.64 18.79 17.77
C ASP C 305 4.81 18.57 19.28
N LYS C 306 5.32 17.41 19.69
CA LYS C 306 5.60 17.07 21.10
C LYS C 306 4.35 17.04 21.99
N THR C 307 3.15 17.00 21.43
CA THR C 307 1.94 16.98 22.26
C THR C 307 1.23 15.65 22.14
N ILE C 308 0.35 15.41 23.12
CA ILE C 308 -0.57 14.28 23.12
C ILE C 308 -1.97 14.85 22.97
N LYS C 309 -2.79 14.20 22.17
CA LYS C 309 -4.18 14.61 22.00
C LYS C 309 -5.11 13.49 22.45
N LEU C 310 -6.21 13.88 23.11
CA LEU C 310 -7.23 12.93 23.50
C LEU C 310 -8.49 13.24 22.70
N TRP C 311 -9.04 12.22 22.05
CA TRP C 311 -10.16 12.30 21.13
C TRP C 311 -11.28 11.42 21.66
N LYS C 312 -12.55 11.85 21.50
CA LYS C 312 -13.68 11.06 22.00
C LYS C 312 -14.79 10.95 20.96
N SER C 313 -15.41 9.76 20.88
CA SER C 313 -16.49 9.44 19.93
C SER C 313 -17.70 8.80 20.63
N ASP C 314 -18.90 8.85 20.01
CA ASP C 314 -20.03 8.11 20.57
C ASP C 314 -20.08 6.64 20.18
N CYS C 315 -19.31 6.21 19.19
CA CYS C 315 -19.23 4.77 18.89
C CYS C 315 -17.81 4.43 18.43
N GLY D 1 17.91 12.01 21.82
CA GLY D 1 16.68 11.51 21.23
C GLY D 1 16.31 10.10 21.65
N SER D 2 15.47 9.42 20.87
CA SER D 2 15.23 8.01 21.13
C SER D 2 15.10 7.30 19.80
N ALA D 3 15.39 6.00 19.80
CA ALA D 3 15.37 5.25 18.54
C ALA D 3 14.02 5.30 17.85
N ARG D 4 12.90 5.29 18.61
CA ARG D 4 11.59 5.26 17.93
C ARG D 4 11.29 6.60 17.24
N ALA D 5 11.82 7.71 17.75
CA ALA D 5 11.66 9.04 17.17
C ALA D 5 12.70 9.39 16.10
N ARG D 6 13.49 8.42 15.63
CA ARG D 6 14.40 8.66 14.52
C ARG D 6 13.97 7.82 13.31
N PRO D 7 14.03 8.35 12.08
CA PRO D 7 13.61 7.56 10.92
C PRO D 7 14.66 6.51 10.57
N SER D 8 14.23 5.42 9.94
CA SER D 8 15.25 4.44 9.50
C SER D 8 15.95 4.84 8.20
C1 EDO E . -13.55 11.79 -10.85
O1 EDO E . -12.54 12.53 -10.14
C2 EDO E . -14.11 12.61 -12.01
O2 EDO E . -14.45 11.70 -13.07
C1 EDO F . -2.48 -9.82 -7.11
O1 EDO F . -3.14 -10.93 -7.81
C2 EDO F . -1.31 -9.20 -7.94
O2 EDO F . -0.56 -8.13 -7.30
#